data_3ODG
#
_entry.id   3ODG
#
_cell.length_a   96.470
_cell.length_b   96.470
_cell.length_c   48.906
_cell.angle_alpha   90.00
_cell.angle_beta   90.00
_cell.angle_gamma   120.00
#
_symmetry.space_group_name_H-M   'P 63'
#
loop_
_entity.id
_entity.type
_entity.pdbx_description
1 polymer 'Xanthosine phosphorylase'
2 non-polymer XANTHINE
3 non-polymer 'CHLORIDE ION'
4 water water
#
_entity_poly.entity_id   1
_entity_poly.type   'polypeptide(L)'
_entity_poly.pdbx_seq_one_letter_code
;MTTVNSNINVDADFNELPFQAVKYIQKIKPGFKPQIAFILGSGLGDLVDQITNDTTISYADIPGFPVSSVHGHAGELVLG
DLCGVPVMCMKGRGHFYEGKGMSIMTNPVRTFKLMGCEFLFCTNAAGSLRPEVLPGSVVMLKDHINTMPGTPLVGPNDDR
FGPRFFSLANAYDKDLRADMAKIAQQLDIPLTEGVFVSYPGPCFETPAEIRMMQIIGGDVVGMSVVPEVLSAAHCGLKVI
ALTAITNLAEGLSDVVLSHEQTLKFAKVASVNFTKLIEAFLKSKALR
;
_entity_poly.pdbx_strand_id   A
#
# COMPACT_ATOMS: atom_id res chain seq x y z
N ASP A 13 23.14 -11.25 -1.23
CA ASP A 13 22.33 -11.80 -0.11
C ASP A 13 20.96 -11.13 0.06
N PHE A 14 20.81 -9.92 -0.46
CA PHE A 14 19.53 -9.21 -0.44
C PHE A 14 18.48 -10.08 -1.12
N ASN A 15 18.89 -10.79 -2.18
CA ASN A 15 17.91 -11.52 -2.97
C ASN A 15 17.34 -12.73 -2.25
N GLU A 16 18.07 -13.25 -1.26
CA GLU A 16 17.65 -14.45 -0.54
C GLU A 16 16.72 -14.14 0.61
N LEU A 17 16.61 -12.86 0.97
CA LEU A 17 15.87 -12.51 2.17
C LEU A 17 14.41 -13.01 2.24
N PRO A 18 13.66 -12.95 1.12
CA PRO A 18 12.29 -13.50 1.23
C PRO A 18 12.18 -14.98 1.59
N PHE A 19 13.12 -15.80 1.12
CA PHE A 19 13.12 -17.20 1.47
C PHE A 19 13.37 -17.34 2.98
N GLN A 20 14.25 -16.50 3.52
CA GLN A 20 14.53 -16.55 4.97
C GLN A 20 13.36 -16.01 5.76
N ALA A 21 12.67 -15.02 5.21
CA ALA A 21 11.47 -14.45 5.84
C ALA A 21 10.38 -15.53 5.93
N VAL A 22 10.17 -16.24 4.84
CA VAL A 22 9.19 -17.33 4.82
C VAL A 22 9.50 -18.41 5.86
N LYS A 23 10.76 -18.84 5.92
CA LYS A 23 11.13 -19.88 6.89
C LYS A 23 10.86 -19.39 8.31
N TYR A 24 11.15 -18.12 8.55
CA TYR A 24 10.99 -17.54 9.89
C TYR A 24 9.53 -17.46 10.26
N ILE A 25 8.73 -16.91 9.35
CA ILE A 25 7.29 -16.78 9.57
C ILE A 25 6.63 -18.15 9.74
N GLN A 26 7.04 -19.14 8.94
CA GLN A 26 6.46 -20.47 9.05
C GLN A 26 6.80 -21.15 10.40
N LYS A 27 7.97 -20.85 10.95
CA LYS A 27 8.36 -21.41 12.24
C LYS A 27 7.59 -20.76 13.39
N ILE A 28 7.31 -19.47 13.28
CA ILE A 28 6.63 -18.72 14.34
C ILE A 28 5.15 -19.06 14.36
N LYS A 29 4.58 -19.31 13.19
CA LYS A 29 3.16 -19.60 13.12
C LYS A 29 2.92 -20.79 12.18
N PRO A 30 3.31 -22.00 12.62
CA PRO A 30 3.19 -23.20 11.78
C PRO A 30 1.75 -23.44 11.36
N GLY A 31 1.56 -23.75 10.10
CA GLY A 31 0.22 -24.07 9.65
C GLY A 31 -0.47 -22.92 8.95
N PHE A 32 -0.06 -21.68 9.25
CA PHE A 32 -0.82 -20.53 8.81
C PHE A 32 -0.69 -20.35 7.30
N LYS A 33 -1.82 -20.19 6.61
CA LYS A 33 -1.85 -20.06 5.14
C LYS A 33 -2.60 -18.78 4.73
N PRO A 34 -1.89 -17.66 4.63
CA PRO A 34 -2.60 -16.40 4.35
C PRO A 34 -3.23 -16.39 2.95
N GLN A 35 -4.39 -15.77 2.84
CA GLN A 35 -5.11 -15.65 1.58
C GLN A 35 -4.88 -14.24 0.97
N ILE A 36 -4.82 -13.23 1.84
CA ILE A 36 -4.69 -11.83 1.36
C ILE A 36 -3.63 -11.14 2.18
N ALA A 37 -2.77 -10.37 1.51
CA ALA A 37 -1.78 -9.57 2.19
C ALA A 37 -2.31 -8.15 2.28
N PHE A 38 -1.97 -7.44 3.35
CA PHE A 38 -2.30 -6.01 3.45
C PHE A 38 -1.04 -5.23 3.74
N ILE A 39 -0.96 -4.02 3.18
CA ILE A 39 -0.04 -3.01 3.69
C ILE A 39 -0.92 -1.89 4.29
N LEU A 40 -0.73 -1.64 5.58
CA LEU A 40 -1.56 -0.68 6.34
C LEU A 40 -0.82 0.60 6.53
N GLY A 41 -1.29 1.66 5.86
CA GLY A 41 -0.71 3.00 5.98
C GLY A 41 -1.46 3.79 7.05
N SER A 42 -1.37 5.12 6.97
CA SER A 42 -1.90 6.01 8.04
C SER A 42 -3.39 5.84 8.23
N GLY A 43 -3.82 5.69 9.51
CA GLY A 43 -5.24 5.64 9.87
C GLY A 43 -5.75 4.23 9.91
N LEU A 44 -5.03 3.35 9.20
CA LEU A 44 -5.48 1.96 9.14
C LEU A 44 -4.64 0.97 9.94
N GLY A 45 -3.64 1.45 10.65
CA GLY A 45 -2.89 0.58 11.55
C GLY A 45 -3.78 -0.20 12.53
N ASP A 46 -4.86 0.43 13.00
CA ASP A 46 -5.71 -0.13 14.04
C ASP A 46 -6.52 -1.33 13.61
N LEU A 47 -6.62 -1.53 12.29
CA LEU A 47 -7.31 -2.72 11.78
C LEU A 47 -6.73 -4.03 12.33
N VAL A 48 -5.46 -3.99 12.72
CA VAL A 48 -4.84 -5.21 13.27
C VAL A 48 -5.47 -5.63 14.59
N ASP A 49 -6.08 -4.66 15.28
CA ASP A 49 -6.75 -4.95 16.55
C ASP A 49 -7.94 -5.89 16.34
N GLN A 50 -8.46 -5.94 15.11
CA GLN A 50 -9.64 -6.76 14.78
C GLN A 50 -9.31 -8.20 14.36
N ILE A 51 -8.02 -8.47 14.16
CA ILE A 51 -7.55 -9.81 13.76
C ILE A 51 -7.66 -10.75 14.96
N THR A 52 -8.19 -11.96 14.74
CA THR A 52 -8.23 -12.95 15.81
C THR A 52 -7.18 -14.03 15.56
N ASN A 53 -6.97 -14.87 16.57
CA ASN A 53 -5.94 -15.89 16.46
C ASN A 53 -4.67 -15.28 15.89
N ASP A 54 -4.29 -14.14 16.44
CA ASP A 54 -3.23 -13.33 15.85
C ASP A 54 -1.84 -13.62 16.41
N THR A 55 -0.86 -13.45 15.54
CA THR A 55 0.53 -13.46 15.93
C THR A 55 1.14 -12.17 15.37
N THR A 56 1.95 -11.51 16.19
CA THR A 56 2.58 -10.26 15.81
C THR A 56 4.10 -10.41 15.84
N ILE A 57 4.73 -9.99 14.75
CA ILE A 57 6.17 -10.12 14.59
C ILE A 57 6.79 -8.75 14.28
N SER A 58 7.80 -8.36 15.06
CA SER A 58 8.47 -7.08 14.81
C SER A 58 9.25 -7.16 13.51
N TYR A 59 9.19 -6.10 12.70
CA TYR A 59 9.96 -6.10 11.46
C TYR A 59 11.46 -6.32 11.67
N ALA A 60 11.98 -5.84 12.80
CA ALA A 60 13.38 -6.08 13.18
C ALA A 60 13.76 -7.56 13.14
N ASP A 61 12.79 -8.43 13.37
CA ASP A 61 13.06 -9.87 13.46
C ASP A 61 12.81 -10.62 12.14
N ILE A 62 12.30 -9.93 11.13
CA ILE A 62 12.00 -10.62 9.86
C ILE A 62 12.99 -10.22 8.79
N PRO A 63 13.77 -11.19 8.29
CA PRO A 63 14.74 -10.84 7.26
C PRO A 63 14.13 -10.08 6.09
N GLY A 64 14.75 -8.95 5.76
CA GLY A 64 14.35 -8.17 4.59
C GLY A 64 13.28 -7.12 4.81
N PHE A 65 12.68 -7.11 6.00
CA PHE A 65 11.61 -6.14 6.27
C PHE A 65 12.20 -4.79 6.71
N PRO A 66 11.47 -3.70 6.45
CA PRO A 66 12.05 -2.38 6.67
C PRO A 66 12.20 -2.03 8.15
N VAL A 67 13.31 -1.41 8.53
CA VAL A 67 13.40 -0.93 9.92
C VAL A 67 13.60 0.57 9.88
N SER A 68 12.65 1.30 10.46
CA SER A 68 12.69 2.76 10.50
C SER A 68 13.91 3.31 11.24
N SER A 69 14.30 4.52 10.88
CA SER A 69 15.45 5.15 11.51
C SER A 69 15.00 5.83 12.80
N VAL A 70 13.70 5.95 12.97
CA VAL A 70 13.14 6.66 14.13
C VAL A 70 12.97 5.70 15.30
N HIS A 71 13.72 5.95 16.38
CA HIS A 71 13.69 5.11 17.59
C HIS A 71 12.24 4.91 18.05
N GLY A 72 11.83 3.65 18.19
CA GLY A 72 10.51 3.31 18.71
C GLY A 72 9.38 3.26 17.69
N HIS A 73 9.70 3.48 16.42
CA HIS A 73 8.64 3.52 15.41
C HIS A 73 8.81 2.44 14.36
N ALA A 74 9.36 1.30 14.76
CA ALA A 74 9.51 0.14 13.87
C ALA A 74 8.16 -0.55 13.67
N GLY A 75 7.92 -1.09 12.47
CA GLY A 75 6.63 -1.70 12.16
C GLY A 75 6.53 -3.15 12.61
N GLU A 76 5.38 -3.75 12.35
CA GLU A 76 5.11 -5.10 12.77
C GLU A 76 4.21 -5.81 11.77
N LEU A 77 4.45 -7.10 11.58
CA LEU A 77 3.64 -7.94 10.74
C LEU A 77 2.65 -8.70 11.63
N VAL A 78 1.35 -8.63 11.32
CA VAL A 78 0.31 -9.27 12.11
C VAL A 78 -0.39 -10.32 11.27
N LEU A 79 -0.38 -11.55 11.76
CA LEU A 79 -0.89 -12.72 11.05
C LEU A 79 -2.08 -13.25 11.80
N GLY A 80 -3.19 -13.50 11.10
CA GLY A 80 -4.37 -14.01 11.80
C GLY A 80 -5.58 -14.06 10.89
N ASP A 81 -6.75 -14.14 11.49
CA ASP A 81 -8.01 -14.18 10.75
C ASP A 81 -8.78 -12.86 10.91
N LEU A 82 -9.20 -12.31 9.78
CA LEU A 82 -9.94 -11.06 9.73
C LEU A 82 -11.19 -11.26 8.87
N CYS A 83 -12.37 -11.16 9.50
CA CYS A 83 -13.64 -11.31 8.77
C CYS A 83 -13.74 -12.58 7.96
N GLY A 84 -13.19 -13.67 8.49
CA GLY A 84 -13.27 -14.98 7.85
C GLY A 84 -12.16 -15.27 6.85
N VAL A 85 -11.20 -14.35 6.73
CA VAL A 85 -10.07 -14.48 5.79
C VAL A 85 -8.74 -14.53 6.54
N PRO A 86 -7.92 -15.53 6.25
CA PRO A 86 -6.56 -15.52 6.80
C PRO A 86 -5.74 -14.41 6.11
N VAL A 87 -5.17 -13.50 6.90
CA VAL A 87 -4.45 -12.36 6.33
C VAL A 87 -3.06 -12.20 6.94
N MET A 88 -2.18 -11.56 6.19
CA MET A 88 -0.90 -11.10 6.76
C MET A 88 -0.79 -9.65 6.46
N CYS A 89 -0.69 -8.86 7.54
CA CYS A 89 -0.82 -7.41 7.49
C CYS A 89 0.47 -6.76 7.90
N MET A 90 1.06 -6.02 6.97
CA MET A 90 2.16 -5.14 7.33
C MET A 90 1.62 -3.86 7.96
N LYS A 91 1.87 -3.68 9.26
CA LYS A 91 1.51 -2.45 9.94
C LYS A 91 2.77 -1.55 9.83
N GLY A 92 2.76 -0.72 8.81
CA GLY A 92 3.92 0.09 8.47
C GLY A 92 4.56 -0.34 7.16
N ARG A 93 5.11 0.63 6.42
CA ARG A 93 5.83 0.26 5.17
C ARG A 93 7.19 0.97 5.14
N GLY A 94 7.99 0.63 4.15
CA GLY A 94 9.21 1.39 3.86
C GLY A 94 8.88 2.31 2.71
N HIS A 95 9.56 3.45 2.69
CA HIS A 95 9.38 4.46 1.64
C HIS A 95 10.70 4.79 0.97
N PHE A 96 10.59 5.19 -0.29
CA PHE A 96 11.75 5.69 -1.01
C PHE A 96 12.48 6.79 -0.20
N TYR A 97 11.74 7.68 0.47
CA TYR A 97 12.43 8.82 1.14
C TYR A 97 13.31 8.37 2.31
N GLU A 98 13.18 7.12 2.73
CA GLU A 98 14.07 6.61 3.78
C GLU A 98 15.51 6.41 3.36
N GLY A 99 15.79 6.41 2.05
CA GLY A 99 17.17 6.39 1.58
C GLY A 99 17.77 5.01 1.35
N LYS A 100 16.91 4.00 1.30
CA LYS A 100 17.38 2.64 1.01
C LYS A 100 17.05 2.24 -0.42
N GLY A 101 16.62 3.22 -1.21
CA GLY A 101 16.39 3.00 -2.62
C GLY A 101 14.96 2.58 -2.92
N MET A 102 14.66 2.40 -4.20
CA MET A 102 13.31 2.04 -4.63
C MET A 102 12.93 0.60 -4.29
N SER A 103 13.93 -0.22 -3.99
CA SER A 103 13.67 -1.65 -3.70
C SER A 103 13.27 -1.96 -2.23
N ILE A 104 13.01 -0.90 -1.45
CA ILE A 104 12.74 -1.07 -0.01
C ILE A 104 11.49 -1.93 0.29
N MET A 105 10.57 -2.03 -0.66
CA MET A 105 9.39 -2.88 -0.48
C MET A 105 9.42 -4.17 -1.28
N THR A 106 10.52 -4.45 -1.97
CA THR A 106 10.56 -5.60 -2.88
C THR A 106 10.60 -6.90 -2.10
N ASN A 107 11.45 -6.99 -1.09
CA ASN A 107 11.48 -8.25 -0.33
C ASN A 107 10.18 -8.57 0.44
N PRO A 108 9.56 -7.55 1.07
CA PRO A 108 8.28 -7.80 1.72
C PRO A 108 7.22 -8.29 0.73
N VAL A 109 7.16 -7.68 -0.46
CA VAL A 109 6.15 -8.09 -1.46
C VAL A 109 6.41 -9.51 -1.96
N ARG A 110 7.69 -9.85 -2.14
CA ARG A 110 8.05 -11.20 -2.56
C ARG A 110 7.71 -12.19 -1.48
N THR A 111 7.83 -11.75 -0.22
CA THR A 111 7.43 -12.60 0.92
C THR A 111 5.93 -12.90 0.90
N PHE A 112 5.10 -11.90 0.63
CA PHE A 112 3.67 -12.15 0.48
C PHE A 112 3.47 -13.21 -0.60
N LYS A 113 4.19 -13.04 -1.71
CA LYS A 113 4.01 -13.95 -2.86
C LYS A 113 4.34 -15.39 -2.48
N LEU A 114 5.52 -15.57 -1.87
CA LEU A 114 5.98 -16.92 -1.51
C LEU A 114 5.10 -17.53 -0.43
N MET A 115 4.53 -16.69 0.44
CA MET A 115 3.63 -17.20 1.50
C MET A 115 2.33 -17.71 0.89
N GLY A 116 2.09 -17.44 -0.39
CA GLY A 116 0.83 -17.91 -1.02
C GLY A 116 -0.37 -16.95 -1.08
N CYS A 117 -0.17 -15.66 -0.75
CA CYS A 117 -1.30 -14.71 -0.85
C CYS A 117 -1.84 -14.66 -2.30
N GLU A 118 -3.18 -14.60 -2.46
CA GLU A 118 -3.80 -14.51 -3.79
C GLU A 118 -3.67 -13.11 -4.34
N PHE A 119 -3.62 -12.14 -3.43
CA PHE A 119 -3.32 -10.75 -3.85
C PHE A 119 -2.89 -9.88 -2.66
N LEU A 120 -2.48 -8.66 -3.01
CA LEU A 120 -2.06 -7.65 -2.05
C LEU A 120 -3.09 -6.52 -2.04
N PHE A 121 -3.57 -6.17 -0.85
CA PHE A 121 -4.43 -4.98 -0.63
C PHE A 121 -3.58 -3.89 -0.05
N CYS A 122 -3.24 -2.93 -0.90
CA CYS A 122 -2.34 -1.86 -0.52
C CYS A 122 -3.18 -0.67 -0.05
N THR A 123 -2.78 -0.05 1.08
CA THR A 123 -3.48 1.16 1.53
C THR A 123 -2.47 2.24 1.84
N ASN A 124 -2.89 3.51 1.68
CA ASN A 124 -2.03 4.64 1.95
C ASN A 124 -2.88 5.88 2.16
N ALA A 125 -2.24 6.94 2.65
CA ALA A 125 -2.87 8.25 2.79
C ALA A 125 -2.24 9.18 1.76
N ALA A 126 -2.99 10.11 1.21
CA ALA A 126 -2.43 10.93 0.12
C ALA A 126 -3.26 12.14 -0.16
N GLY A 127 -2.81 12.94 -1.11
CA GLY A 127 -3.48 14.21 -1.38
C GLY A 127 -4.32 14.04 -2.63
N SER A 128 -5.42 14.79 -2.71
CA SER A 128 -6.23 14.78 -3.94
C SER A 128 -5.85 15.88 -4.90
N LEU A 129 -5.63 15.51 -6.17
CA LEU A 129 -5.41 16.50 -7.22
C LEU A 129 -6.69 17.00 -7.83
N ARG A 130 -7.84 16.50 -7.35
CA ARG A 130 -9.17 16.88 -7.85
C ARG A 130 -9.92 17.61 -6.73
N PRO A 131 -10.26 18.89 -6.93
CA PRO A 131 -10.89 19.70 -5.90
C PRO A 131 -12.22 19.10 -5.45
N GLU A 132 -12.84 18.29 -6.30
CA GLU A 132 -14.17 17.80 -5.95
C GLU A 132 -14.10 16.48 -5.16
N VAL A 133 -12.90 15.93 -5.02
CA VAL A 133 -12.67 14.74 -4.18
C VAL A 133 -12.04 15.20 -2.85
N LEU A 134 -12.87 15.27 -1.81
CA LEU A 134 -12.51 16.04 -0.61
C LEU A 134 -11.77 15.25 0.47
N PRO A 135 -11.09 15.97 1.38
CA PRO A 135 -10.40 15.31 2.48
C PRO A 135 -11.36 14.43 3.27
N GLY A 136 -10.90 13.23 3.62
CA GLY A 136 -11.71 12.21 4.26
C GLY A 136 -12.32 11.19 3.32
N SER A 137 -12.23 11.47 2.01
CA SER A 137 -12.71 10.53 0.97
C SER A 137 -11.78 9.30 0.86
N VAL A 138 -12.28 8.25 0.26
CA VAL A 138 -11.45 7.08 -0.13
C VAL A 138 -11.48 7.00 -1.64
N VAL A 139 -10.33 6.74 -2.26
CA VAL A 139 -10.23 6.59 -3.71
C VAL A 139 -9.61 5.22 -4.02
N MET A 140 -10.09 4.58 -5.07
CA MET A 140 -9.49 3.32 -5.53
C MET A 140 -8.55 3.67 -6.68
N LEU A 141 -7.31 3.19 -6.57
CA LEU A 141 -6.32 3.48 -7.60
C LEU A 141 -6.47 2.56 -8.81
N LYS A 142 -6.42 3.14 -10.02
CA LYS A 142 -6.54 2.35 -11.24
C LYS A 142 -5.30 2.33 -12.11
N ASP A 143 -4.37 3.24 -11.82
CA ASP A 143 -3.12 3.32 -12.60
C ASP A 143 -2.20 4.27 -11.82
N HIS A 144 -0.95 4.41 -12.29
CA HIS A 144 -0.05 5.37 -11.66
C HIS A 144 0.83 6.06 -12.67
N ILE A 145 1.42 7.18 -12.25
CA ILE A 145 2.53 7.79 -12.95
C ILE A 145 3.66 7.88 -11.96
N ASN A 146 4.79 7.26 -12.28
CA ASN A 146 5.90 7.29 -11.34
C ASN A 146 6.80 8.53 -11.57
N THR A 147 6.98 9.35 -10.53
CA THR A 147 8.01 10.42 -10.63
C THR A 147 9.19 10.26 -9.67
N MET A 148 9.19 9.19 -8.88
CA MET A 148 10.35 8.77 -8.15
C MET A 148 11.43 8.32 -9.15
N PRO A 149 12.69 8.46 -8.76
CA PRO A 149 13.79 8.14 -9.69
C PRO A 149 14.03 6.65 -9.83
N GLY A 150 13.88 6.17 -11.05
CA GLY A 150 14.12 4.73 -11.30
C GLY A 150 12.95 3.88 -10.88
N THR A 151 13.19 2.58 -10.74
CA THR A 151 12.15 1.63 -10.34
C THR A 151 12.79 0.60 -9.44
N PRO A 152 11.98 -0.18 -8.70
CA PRO A 152 12.56 -1.16 -7.77
C PRO A 152 13.35 -2.24 -8.46
N LEU A 153 13.10 -2.45 -9.75
CA LEU A 153 13.69 -3.60 -10.46
C LEU A 153 14.97 -3.25 -11.23
N VAL A 154 15.40 -1.99 -11.15
CA VAL A 154 16.72 -1.61 -11.67
C VAL A 154 17.78 -2.40 -10.95
N GLY A 155 18.68 -3.02 -11.72
CA GLY A 155 19.67 -3.96 -11.19
C GLY A 155 19.54 -5.32 -11.83
N PRO A 156 20.43 -6.26 -11.50
CA PRO A 156 20.28 -7.58 -12.15
C PRO A 156 18.91 -8.13 -11.82
N ASN A 157 18.32 -8.85 -12.75
CA ASN A 157 17.03 -9.47 -12.50
C ASN A 157 17.14 -10.79 -11.72
N ASP A 158 16.28 -10.96 -10.71
CA ASP A 158 16.18 -12.25 -10.01
C ASP A 158 15.05 -13.01 -10.71
N ASP A 159 15.44 -13.88 -11.65
CA ASP A 159 14.42 -14.61 -12.43
C ASP A 159 13.66 -15.61 -11.61
N ARG A 160 14.10 -15.89 -10.39
CA ARG A 160 13.27 -16.74 -9.46
C ARG A 160 11.92 -16.12 -9.18
N PHE A 161 11.86 -14.78 -9.21
CA PHE A 161 10.67 -14.02 -8.89
C PHE A 161 9.89 -13.51 -10.09
N GLY A 162 10.60 -13.13 -11.15
CA GLY A 162 9.89 -12.63 -12.33
C GLY A 162 10.84 -12.32 -13.47
N PRO A 163 10.27 -11.91 -14.61
CA PRO A 163 11.02 -11.72 -15.84
C PRO A 163 11.81 -10.40 -15.86
N ARG A 164 12.79 -10.31 -16.75
CA ARG A 164 13.54 -9.06 -16.86
C ARG A 164 12.62 -7.86 -17.19
N PHE A 165 11.71 -8.06 -18.14
CA PHE A 165 10.77 -7.01 -18.55
C PHE A 165 9.38 -7.46 -18.22
N PHE A 166 8.49 -6.50 -17.93
CA PHE A 166 7.12 -6.84 -17.55
C PHE A 166 6.11 -5.73 -17.78
N SER A 167 4.93 -6.12 -18.25
CA SER A 167 3.83 -5.23 -18.50
C SER A 167 3.20 -4.70 -17.22
N LEU A 168 2.79 -3.43 -17.26
CA LEU A 168 2.07 -2.78 -16.19
C LEU A 168 0.59 -2.56 -16.58
N ALA A 169 0.15 -3.19 -17.69
CA ALA A 169 -1.25 -3.02 -18.13
C ALA A 169 -2.30 -3.39 -17.10
N ASN A 170 -2.01 -4.32 -16.21
CA ASN A 170 -3.00 -4.67 -15.19
C ASN A 170 -2.41 -4.53 -13.78
N ALA A 171 -1.55 -3.52 -13.61
CA ALA A 171 -0.87 -3.30 -12.32
C ALA A 171 -1.84 -3.09 -11.14
N TYR A 172 -3.01 -2.57 -11.42
CA TYR A 172 -4.08 -2.46 -10.40
C TYR A 172 -5.20 -3.34 -10.92
N ASP A 173 -5.19 -4.61 -10.46
CA ASP A 173 -6.03 -5.64 -11.09
C ASP A 173 -7.46 -5.20 -11.42
N LYS A 174 -7.84 -5.38 -12.69
CA LYS A 174 -9.18 -4.93 -13.12
C LYS A 174 -10.35 -5.63 -12.41
N ASP A 175 -10.24 -6.94 -12.21
CA ASP A 175 -11.34 -7.69 -11.61
C ASP A 175 -11.49 -7.38 -10.11
N LEU A 176 -10.37 -7.15 -9.43
CA LEU A 176 -10.48 -6.76 -8.01
C LEU A 176 -11.13 -5.38 -7.90
N ARG A 177 -10.78 -4.46 -8.81
CA ARG A 177 -11.44 -3.15 -8.84
C ARG A 177 -12.95 -3.26 -9.05
N ALA A 178 -13.36 -4.14 -9.96
CA ALA A 178 -14.79 -4.37 -10.17
C ALA A 178 -15.45 -4.97 -8.91
N ASP A 179 -14.75 -5.89 -8.25
CA ASP A 179 -15.26 -6.50 -7.03
C ASP A 179 -15.52 -5.38 -5.99
N MET A 180 -14.52 -4.53 -5.78
CA MET A 180 -14.63 -3.51 -4.75
C MET A 180 -15.64 -2.40 -5.11
N ALA A 181 -15.75 -2.09 -6.39
CA ALA A 181 -16.75 -1.11 -6.79
C ALA A 181 -18.16 -1.58 -6.47
N LYS A 182 -18.40 -2.89 -6.62
CA LYS A 182 -19.69 -3.47 -6.23
C LYS A 182 -19.92 -3.35 -4.73
N ILE A 183 -18.89 -3.61 -3.94
CA ILE A 183 -18.98 -3.46 -2.47
C ILE A 183 -19.33 -2.01 -2.11
N ALA A 184 -18.59 -1.06 -2.68
CA ALA A 184 -18.82 0.35 -2.35
C ALA A 184 -20.26 0.75 -2.69
N GLN A 185 -20.75 0.28 -3.83
CA GLN A 185 -22.09 0.60 -4.27
C GLN A 185 -23.12 -0.02 -3.31
N GLN A 186 -22.88 -1.25 -2.85
CA GLN A 186 -23.79 -1.93 -1.89
C GLN A 186 -23.85 -1.13 -0.58
N LEU A 187 -22.70 -0.66 -0.16
CA LEU A 187 -22.58 0.14 1.06
C LEU A 187 -22.96 1.62 0.93
N ASP A 188 -23.20 2.11 -0.28
CA ASP A 188 -23.44 3.52 -0.48
C ASP A 188 -22.30 4.39 0.00
N ILE A 189 -21.08 3.93 -0.26
CA ILE A 189 -19.89 4.69 0.09
C ILE A 189 -19.25 5.16 -1.22
N PRO A 190 -19.15 6.49 -1.42
CA PRO A 190 -18.55 6.99 -2.67
C PRO A 190 -17.13 6.48 -2.85
N LEU A 191 -16.79 6.01 -4.05
CA LEU A 191 -15.44 5.48 -4.27
C LEU A 191 -15.01 5.77 -5.70
N THR A 192 -14.41 6.93 -5.93
CA THR A 192 -13.95 7.27 -7.27
C THR A 192 -12.74 6.39 -7.61
N GLU A 193 -12.41 6.30 -8.90
CA GLU A 193 -11.16 5.63 -9.29
C GLU A 193 -10.20 6.71 -9.81
N GLY A 194 -8.92 6.60 -9.48
CA GLY A 194 -8.01 7.71 -9.81
C GLY A 194 -6.65 7.19 -10.22
N VAL A 195 -5.92 8.04 -10.94
CA VAL A 195 -4.52 7.80 -11.28
C VAL A 195 -3.67 8.36 -10.18
N PHE A 196 -2.82 7.51 -9.61
CA PHE A 196 -1.90 7.92 -8.53
C PHE A 196 -0.57 8.44 -9.09
N VAL A 197 -0.11 9.60 -8.61
CA VAL A 197 1.21 10.10 -8.97
C VAL A 197 2.14 9.94 -7.78
N SER A 198 3.22 9.19 -7.94
CA SER A 198 4.20 9.12 -6.86
C SER A 198 5.13 10.32 -6.87
N TYR A 199 5.68 10.63 -5.69
CA TYR A 199 6.59 11.77 -5.50
C TYR A 199 7.64 11.31 -4.51
N PRO A 200 8.91 11.71 -4.68
CA PRO A 200 9.95 11.18 -3.80
C PRO A 200 9.79 11.60 -2.36
N GLY A 201 9.40 12.86 -2.13
CA GLY A 201 9.34 13.44 -0.77
C GLY A 201 10.76 13.55 -0.22
N PRO A 202 10.91 13.70 1.09
CA PRO A 202 9.84 13.73 2.10
C PRO A 202 9.21 15.13 2.29
N CYS A 203 9.66 16.15 1.54
CA CYS A 203 8.90 17.39 1.50
C CYS A 203 7.58 17.04 0.84
N PHE A 204 6.53 17.78 1.19
CA PHE A 204 5.33 17.74 0.36
C PHE A 204 5.64 18.49 -0.95
N GLU A 205 4.74 18.40 -1.92
CA GLU A 205 4.94 19.02 -3.24
C GLU A 205 4.77 20.53 -3.23
N THR A 206 5.39 21.23 -4.18
CA THR A 206 5.12 22.65 -4.31
C THR A 206 3.79 22.82 -5.06
N PRO A 207 3.20 24.03 -4.98
CA PRO A 207 1.98 24.28 -5.74
C PRO A 207 2.20 24.12 -7.26
N ALA A 208 3.37 24.51 -7.76
CA ALA A 208 3.63 24.35 -9.22
C ALA A 208 3.77 22.87 -9.59
N GLU A 209 4.34 22.07 -8.68
CA GLU A 209 4.47 20.63 -8.95
C GLU A 209 3.08 20.02 -9.02
N ILE A 210 2.22 20.47 -8.11
CA ILE A 210 0.84 19.97 -8.12
C ILE A 210 0.11 20.33 -9.43
N ARG A 211 0.24 21.58 -9.88
CA ARG A 211 -0.36 21.93 -11.19
C ARG A 211 0.22 21.06 -12.34
N MET A 212 1.53 20.82 -12.32
N MET A 212 1.53 20.83 -12.33
CA MET A 212 2.16 19.89 -13.28
CA MET A 212 2.12 19.90 -13.30
C MET A 212 1.50 18.51 -13.24
C MET A 212 1.44 18.53 -13.24
N MET A 213 1.21 18.02 -12.04
CA MET A 213 0.64 16.70 -11.91
C MET A 213 -0.77 16.66 -12.43
N GLN A 214 -1.51 17.76 -12.25
CA GLN A 214 -2.82 17.86 -12.89
C GLN A 214 -2.72 17.86 -14.40
N ILE A 215 -1.80 18.66 -14.93
CA ILE A 215 -1.58 18.73 -16.38
C ILE A 215 -1.25 17.34 -16.99
N ILE A 216 -0.49 16.52 -16.30
CA ILE A 216 -0.07 15.26 -16.91
C ILE A 216 -1.09 14.14 -16.67
N GLY A 217 -2.18 14.44 -15.98
CA GLY A 217 -3.30 13.50 -15.83
C GLY A 217 -3.45 12.77 -14.50
N GLY A 218 -2.79 13.27 -13.46
CA GLY A 218 -2.91 12.66 -12.12
C GLY A 218 -4.20 13.00 -11.40
N ASP A 219 -4.65 12.10 -10.52
CA ASP A 219 -5.78 12.37 -9.63
C ASP A 219 -5.43 12.40 -8.15
N VAL A 220 -4.40 11.67 -7.75
CA VAL A 220 -4.02 11.53 -6.34
C VAL A 220 -2.51 11.63 -6.32
N VAL A 221 -1.93 12.17 -5.25
CA VAL A 221 -0.45 12.25 -5.16
C VAL A 221 0.05 11.80 -3.79
N GLY A 222 1.13 10.99 -3.76
CA GLY A 222 1.66 10.52 -2.48
C GLY A 222 3.08 10.00 -2.59
N MET A 223 3.63 9.56 -1.45
CA MET A 223 5.05 9.21 -1.37
C MET A 223 5.30 7.71 -1.31
N SER A 224 4.26 6.90 -1.49
CA SER A 224 4.45 5.43 -1.44
C SER A 224 3.70 4.82 -2.61
N VAL A 225 3.21 3.57 -2.43
CA VAL A 225 2.42 2.83 -3.44
C VAL A 225 3.26 2.29 -4.59
N VAL A 226 3.89 3.17 -5.36
CA VAL A 226 4.57 2.73 -6.58
C VAL A 226 5.64 1.67 -6.33
N PRO A 227 6.51 1.83 -5.32
CA PRO A 227 7.55 0.80 -5.18
C PRO A 227 6.97 -0.62 -4.98
N GLU A 228 6.05 -0.75 -4.02
CA GLU A 228 5.43 -2.04 -3.78
C GLU A 228 4.58 -2.53 -4.94
N VAL A 229 3.86 -1.62 -5.62
CA VAL A 229 3.05 -2.02 -6.78
C VAL A 229 3.93 -2.55 -7.93
N LEU A 230 5.01 -1.83 -8.24
CA LEU A 230 5.93 -2.34 -9.29
C LEU A 230 6.55 -3.68 -8.86
N SER A 231 6.94 -3.82 -7.58
CA SER A 231 7.51 -5.09 -7.14
C SER A 231 6.50 -6.24 -7.27
N ALA A 232 5.25 -5.94 -6.98
CA ALA A 232 4.18 -6.91 -7.13
C ALA A 232 3.94 -7.30 -8.58
N ALA A 233 3.89 -6.31 -9.47
CA ALA A 233 3.73 -6.64 -10.89
C ALA A 233 4.87 -7.57 -11.38
N HIS A 234 6.10 -7.29 -10.94
CA HIS A 234 7.23 -8.12 -11.36
C HIS A 234 7.07 -9.59 -10.97
N CYS A 235 6.62 -9.85 -9.74
CA CYS A 235 6.50 -11.23 -9.28
C CYS A 235 5.09 -11.81 -9.45
N GLY A 236 4.25 -11.08 -10.18
CA GLY A 236 2.91 -11.55 -10.53
C GLY A 236 1.91 -11.61 -9.39
N LEU A 237 2.16 -10.83 -8.33
CA LEU A 237 1.17 -10.72 -7.25
C LEU A 237 0.14 -9.67 -7.64
N LYS A 238 -1.13 -10.06 -7.74
CA LYS A 238 -2.18 -9.09 -8.05
C LYS A 238 -2.33 -8.02 -6.95
N VAL A 239 -2.75 -6.83 -7.36
CA VAL A 239 -2.87 -5.71 -6.42
C VAL A 239 -4.23 -5.04 -6.50
N ILE A 240 -4.79 -4.73 -5.35
CA ILE A 240 -5.84 -3.71 -5.26
C ILE A 240 -5.27 -2.66 -4.30
N ALA A 241 -5.46 -1.39 -4.63
CA ALA A 241 -4.92 -0.30 -3.81
C ALA A 241 -5.95 0.80 -3.62
N LEU A 242 -6.19 1.17 -2.38
CA LEU A 242 -7.14 2.25 -2.02
C LEU A 242 -6.39 3.27 -1.16
N THR A 243 -6.80 4.53 -1.26
CA THR A 243 -6.09 5.63 -0.66
C THR A 243 -7.06 6.42 0.18
N ALA A 244 -6.61 6.83 1.37
CA ALA A 244 -7.37 7.76 2.20
C ALA A 244 -6.94 9.17 1.78
N ILE A 245 -7.87 10.01 1.31
CA ILE A 245 -7.49 11.39 0.96
C ILE A 245 -7.41 12.21 2.23
N THR A 246 -6.25 12.78 2.53
CA THR A 246 -6.12 13.54 3.80
C THR A 246 -6.10 15.05 3.64
N ASN A 247 -6.11 15.52 2.41
CA ASN A 247 -6.03 16.94 2.09
C ASN A 247 -6.22 17.08 0.61
N LEU A 248 -6.66 18.26 0.19
CA LEU A 248 -6.44 18.61 -1.23
C LEU A 248 -4.94 18.90 -1.37
N ALA A 249 -4.39 18.59 -2.54
CA ALA A 249 -2.94 18.75 -2.76
C ALA A 249 -2.52 20.21 -2.63
N GLU A 250 -1.21 20.42 -2.44
CA GLU A 250 -0.70 21.76 -2.15
C GLU A 250 -1.18 22.77 -3.17
N GLY A 251 -1.64 23.93 -2.67
CA GLY A 251 -2.06 25.01 -3.53
C GLY A 251 -3.56 24.98 -3.84
N LEU A 252 -4.22 23.86 -3.57
CA LEU A 252 -5.63 23.74 -3.90
C LEU A 252 -6.54 24.15 -2.74
N SER A 253 -5.93 24.39 -1.58
CA SER A 253 -6.69 24.93 -0.43
C SER A 253 -5.76 25.73 0.46
N ASP A 254 -6.30 26.32 1.54
CA ASP A 254 -5.38 27.05 2.43
C ASP A 254 -4.97 26.27 3.69
N VAL A 255 -5.13 24.95 3.65
CA VAL A 255 -4.68 24.12 4.77
C VAL A 255 -3.16 23.99 4.74
N VAL A 256 -2.50 24.01 5.92
CA VAL A 256 -1.06 23.76 5.99
C VAL A 256 -0.81 22.26 6.05
N LEU A 257 -0.10 21.72 5.07
CA LEU A 257 0.24 20.31 5.05
C LEU A 257 1.30 19.98 6.10
N SER A 258 1.06 18.89 6.82
CA SER A 258 1.97 18.40 7.85
C SER A 258 1.56 16.99 8.18
N HIS A 259 2.42 16.22 8.83
CA HIS A 259 2.03 14.85 9.14
C HIS A 259 0.83 14.89 10.12
N GLU A 260 0.81 15.90 10.99
CA GLU A 260 -0.32 16.03 11.96
C GLU A 260 -1.65 16.20 11.21
N GLN A 261 -1.61 17.02 10.16
CA GLN A 261 -2.79 17.28 9.34
C GLN A 261 -3.22 16.01 8.64
N THR A 262 -2.25 15.27 8.08
CA THR A 262 -2.48 13.99 7.41
C THR A 262 -3.25 13.09 8.35
N LEU A 263 -2.74 12.99 9.59
CA LEU A 263 -3.26 11.96 10.50
C LEU A 263 -4.69 12.31 10.93
N LYS A 264 -5.00 13.60 10.92
CA LYS A 264 -6.31 14.08 11.28
C LYS A 264 -7.39 13.50 10.33
N PHE A 265 -7.15 13.64 9.03
CA PHE A 265 -8.11 13.18 8.06
C PHE A 265 -7.99 11.70 7.77
N ALA A 266 -6.81 11.13 7.97
CA ALA A 266 -6.69 9.66 7.92
C ALA A 266 -7.62 8.98 8.91
N LYS A 267 -7.80 9.57 10.10
CA LYS A 267 -8.70 8.99 11.10
C LYS A 267 -10.13 9.02 10.58
N VAL A 268 -10.53 10.15 10.02
CA VAL A 268 -11.86 10.33 9.41
C VAL A 268 -12.12 9.28 8.29
N ALA A 269 -11.20 9.26 7.33
CA ALA A 269 -11.32 8.39 6.17
C ALA A 269 -11.37 6.96 6.62
N SER A 270 -10.73 6.66 7.75
CA SER A 270 -10.65 5.25 8.19
C SER A 270 -11.98 4.59 8.51
N VAL A 271 -12.99 5.38 8.89
CA VAL A 271 -14.30 4.86 9.18
C VAL A 271 -14.94 4.17 7.97
N ASN A 272 -15.12 4.90 6.88
CA ASN A 272 -15.59 4.21 5.66
C ASN A 272 -14.58 3.24 5.03
N PHE A 273 -13.30 3.56 5.14
CA PHE A 273 -12.26 2.67 4.61
C PHE A 273 -12.39 1.29 5.28
N THR A 274 -12.61 1.28 6.59
CA THR A 274 -12.72 0.01 7.30
C THR A 274 -13.99 -0.74 6.89
N LYS A 275 -15.11 -0.02 6.74
CA LYS A 275 -16.35 -0.66 6.26
C LYS A 275 -16.15 -1.33 4.91
N LEU A 276 -15.47 -0.63 3.99
CA LEU A 276 -15.18 -1.21 2.67
C LEU A 276 -14.31 -2.45 2.81
N ILE A 277 -13.25 -2.35 3.60
CA ILE A 277 -12.36 -3.53 3.74
C ILE A 277 -13.12 -4.73 4.34
N GLU A 278 -13.93 -4.48 5.39
CA GLU A 278 -14.61 -5.59 6.06
C GLU A 278 -15.59 -6.26 5.09
N ALA A 279 -16.38 -5.47 4.36
CA ALA A 279 -17.38 -6.06 3.46
C ALA A 279 -16.69 -6.81 2.31
N PHE A 280 -15.57 -6.26 1.87
CA PHE A 280 -14.80 -6.87 0.77
C PHE A 280 -14.27 -8.21 1.27
N LEU A 281 -13.74 -8.24 2.49
CA LEU A 281 -13.19 -9.48 3.02
C LEU A 281 -14.30 -10.53 3.19
N LYS A 282 -15.45 -10.11 3.69
CA LYS A 282 -16.56 -11.06 3.92
C LYS A 282 -16.95 -11.64 2.58
N SER A 283 -16.86 -10.84 1.53
CA SER A 283 -17.25 -11.30 0.21
C SER A 283 -16.24 -12.31 -0.37
N LYS A 284 -15.02 -12.30 0.15
CA LYS A 284 -13.97 -13.22 -0.32
C LYS A 284 -13.80 -14.46 0.56
N ALA A 285 -14.46 -14.48 1.72
CA ALA A 285 -14.24 -15.55 2.69
C ALA A 285 -14.78 -16.85 2.09
#